data_7JLG
#
_entry.id   7JLG
#
_cell.length_a   51.031
_cell.length_b   65.210
_cell.length_c   73.115
_cell.angle_alpha   71.360
_cell.angle_beta   84.310
_cell.angle_gamma   88.630
#
_symmetry.space_group_name_H-M   'P 1'
#
loop_
_entity.id
_entity.type
_entity.pdbx_description
1 polymer 'DNA-directed primase/polymerase protein'
2 polymer "DNA (5'-D(P*AP*TP*(8OG)P*CP*CP*TP*AP*CP*CP*AP*CP*AP*CP*CP*C)-3')"
3 polymer "DNA (5'-D(P*GP*TP*GP*TP*GP*GP*TP*AP*GP*GP*A)-3')"
4 non-polymer "2'-DEOXYADENOSINE 5'-TRIPHOSPHATE"
5 non-polymer 'CALCIUM ION'
6 non-polymer DI(HYDROXYETHYL)ETHER
7 non-polymer GLYCEROL
8 water water
#
loop_
_entity_poly.entity_id
_entity_poly.type
_entity_poly.pdbx_seq_one_letter_code
_entity_poly.pdbx_strand_id
1 'polypeptide(L)'
;MNRKWEAKLKQIEERASHYERKPLSSVYRPRLSKPEEPPSIWRLFHRQAQAFNFVKSCKEDVHVFALECKVGDGQRIYLV
TTYAEFWFYYKSRKNLLHCYEVIPENAVCKLYFDLEFNKPANPGADGKKMVALLIEYVCKALQELYGVNCSAEDVLNLDS
STDEKFSRHLIFQLHDVAFKDNIHVGNFLRKILQPALDLLGSEDDDSAPETTGHGFPHFSEAPARQGFSFNKMFTEKATE
ESWTSNSKKLERLGSAEQSSPDLSFLVVKNNMGEKHLFVDLGVYTRNRNFRLYKSSKIGKRVALEVTEDNKFFPIQSKDV
SDEYQYFLSSLVSNVRFSDTLRILTCEPSQNKQK
;
A,B
2 'polydeoxyribonucleotide' (DC)(DA)(DT)(8OG)(DC)(DC)(DT)(DA)(DC)(DC)(DA)(DC)(DA)(DC)(DC)(DC)(DC) C,G
3 'polydeoxyribonucleotide' (DG)(DG)(DG)(DT)(DG)(DT)(DG)(DG)(DT)(DA)(DG)(DG)(DA) D,H
#
# COMPACT_ATOMS: atom_id res chain seq x y z
N MET A 1 11.77 -13.63 2.10
CA MET A 1 12.20 -14.93 1.52
C MET A 1 13.09 -15.63 2.52
N ASN A 2 14.14 -14.91 2.95
CA ASN A 2 14.96 -15.37 4.06
C ASN A 2 14.22 -15.25 5.39
N ARG A 3 13.17 -14.41 5.45
CA ARG A 3 12.40 -14.29 6.68
C ARG A 3 11.55 -15.54 6.93
N LYS A 4 10.92 -16.06 5.88
CA LYS A 4 10.11 -17.27 6.03
C LYS A 4 10.99 -18.47 6.35
N TRP A 5 12.10 -18.63 5.63
CA TRP A 5 12.95 -19.80 5.79
C TRP A 5 13.30 -20.04 7.25
N GLU A 6 13.81 -19.01 7.93
CA GLU A 6 14.14 -19.15 9.34
C GLU A 6 12.88 -19.40 10.18
N ALA A 7 11.73 -18.90 9.74
CA ALA A 7 10.50 -19.11 10.50
C ALA A 7 10.09 -20.58 10.48
N LYS A 8 10.24 -21.25 9.34
CA LYS A 8 9.91 -22.67 9.23
C LYS A 8 11.05 -23.57 9.68
N LEU A 9 12.30 -23.08 9.65
CA LEU A 9 13.41 -23.88 10.14
C LEU A 9 13.33 -24.04 11.66
N LYS A 10 12.89 -22.99 12.36
CA LYS A 10 12.69 -23.07 13.80
C LYS A 10 11.43 -23.85 14.15
N GLN A 11 10.47 -23.96 13.22
CA GLN A 11 9.26 -24.74 13.50
C GLN A 11 9.56 -26.22 13.54
N ILE A 12 10.45 -26.69 12.66
CA ILE A 12 10.81 -28.11 12.67
C ILE A 12 11.79 -28.40 13.80
N GLU A 13 12.59 -27.42 14.21
CA GLU A 13 13.53 -27.63 15.32
C GLU A 13 12.78 -27.85 16.62
N GLU A 14 11.74 -27.08 16.87
CA GLU A 14 10.92 -27.21 18.07
C GLU A 14 9.73 -28.16 17.86
N ARG A 15 9.76 -28.97 16.82
CA ARG A 15 8.67 -29.90 16.54
C ARG A 15 9.09 -31.34 16.87
N GLU A 36 -26.78 -27.72 20.34
CA GLU A 36 -25.52 -27.31 19.75
C GLU A 36 -24.98 -26.05 20.44
N GLU A 37 -23.67 -26.06 20.73
CA GLU A 37 -23.04 -24.94 21.40
C GLU A 37 -23.00 -23.74 20.46
N PRO A 38 -22.67 -22.56 20.99
CA PRO A 38 -22.59 -21.37 20.13
C PRO A 38 -21.25 -21.28 19.44
N PRO A 39 -21.18 -20.60 18.29
CA PRO A 39 -19.88 -20.46 17.61
C PRO A 39 -18.86 -19.78 18.51
N SER A 40 -17.80 -20.52 18.84
CA SER A 40 -16.74 -20.00 19.71
C SER A 40 -15.40 -20.55 19.24
N ILE A 41 -14.45 -19.65 18.97
CA ILE A 41 -13.09 -20.02 18.62
C ILE A 41 -12.18 -19.53 19.74
N TRP A 42 -11.51 -20.48 20.40
CA TRP A 42 -10.63 -20.17 21.53
C TRP A 42 -9.57 -21.27 21.57
N ARG A 43 -8.55 -21.12 20.74
CA ARG A 43 -7.49 -22.11 20.58
C ARG A 43 -6.18 -21.55 21.12
N LEU A 44 -5.53 -22.31 22.00
CA LEU A 44 -4.22 -21.97 22.51
C LEU A 44 -3.16 -22.84 21.86
N PHE A 45 -1.98 -22.24 21.68
CA PHE A 45 -0.85 -22.94 21.07
C PHE A 45 0.41 -22.60 21.86
N HIS A 46 1.26 -23.62 22.05
CA HIS A 46 2.53 -23.40 22.74
C HIS A 46 3.54 -22.68 21.84
N ARG A 47 3.36 -22.74 20.52
CA ARG A 47 4.28 -22.13 19.58
C ARG A 47 3.55 -21.13 18.69
N GLN A 48 4.23 -20.02 18.40
CA GLN A 48 3.62 -18.96 17.61
C GLN A 48 3.29 -19.43 16.20
N ALA A 49 4.16 -20.26 15.60
CA ALA A 49 3.92 -20.71 14.24
C ALA A 49 2.63 -21.52 14.14
N GLN A 50 2.35 -22.35 15.15
CA GLN A 50 1.11 -23.12 15.15
C GLN A 50 -0.10 -22.19 15.14
N ALA A 51 -0.06 -21.11 15.94
CA ALA A 51 -1.17 -20.18 15.98
C ALA A 51 -1.43 -19.58 14.61
N PHE A 52 -0.38 -19.09 13.95
CA PHE A 52 -0.55 -18.47 12.64
C PHE A 52 -0.97 -19.49 11.59
N ASN A 53 -0.56 -20.75 11.75
CA ASN A 53 -1.07 -21.81 10.88
C ASN A 53 -2.58 -21.92 11.01
N PHE A 54 -3.08 -21.91 12.24
CA PHE A 54 -4.53 -21.98 12.45
C PHE A 54 -5.23 -20.78 11.83
N VAL A 55 -4.68 -19.58 12.02
CA VAL A 55 -5.30 -18.38 11.47
C VAL A 55 -5.49 -18.52 9.96
N LYS A 56 -4.47 -19.05 9.27
CA LYS A 56 -4.58 -19.21 7.82
C LYS A 56 -5.66 -20.22 7.44
N SER A 57 -5.94 -21.18 8.33
CA SER A 57 -6.93 -22.20 8.06
C SER A 57 -8.33 -21.82 8.54
N CYS A 58 -8.45 -20.76 9.33
CA CYS A 58 -9.73 -20.35 9.88
C CYS A 58 -10.42 -19.37 8.94
N LYS A 59 -11.70 -19.61 8.65
CA LYS A 59 -12.45 -18.74 7.77
C LYS A 59 -12.91 -17.46 8.46
N GLU A 60 -12.97 -17.44 9.79
CA GLU A 60 -13.38 -16.26 10.51
C GLU A 60 -12.19 -15.32 10.70
N ASP A 61 -12.50 -14.06 11.07
CA ASP A 61 -11.50 -13.02 11.23
C ASP A 61 -10.91 -13.14 12.64
N VAL A 62 -9.99 -14.08 12.79
CA VAL A 62 -9.32 -14.35 14.06
C VAL A 62 -7.95 -13.70 14.05
N HIS A 63 -7.41 -13.48 15.25
CA HIS A 63 -6.11 -12.84 15.43
C HIS A 63 -5.35 -13.57 16.54
N VAL A 64 -4.07 -13.22 16.67
CA VAL A 64 -3.15 -13.91 17.56
C VAL A 64 -2.81 -12.99 18.72
N PHE A 65 -3.06 -13.46 19.94
CA PHE A 65 -2.68 -12.76 21.16
C PHE A 65 -1.60 -13.56 21.89
N ALA A 66 -0.69 -12.85 22.53
CA ALA A 66 0.39 -13.46 23.30
C ALA A 66 0.11 -13.27 24.79
N LEU A 67 0.19 -14.35 25.54
CA LEU A 67 -0.19 -14.37 26.95
C LEU A 67 1.01 -14.81 27.78
N GLU A 68 1.37 -14.00 28.78
CA GLU A 68 2.52 -14.28 29.62
C GLU A 68 2.16 -15.31 30.69
N CYS A 69 2.99 -16.34 30.82
CA CYS A 69 2.75 -17.38 31.81
C CYS A 69 3.01 -16.86 33.22
N LYS A 70 2.73 -17.71 34.21
CA LYS A 70 3.02 -17.35 35.59
C LYS A 70 4.52 -17.27 35.86
N VAL A 71 5.35 -17.86 34.99
CA VAL A 71 6.78 -17.78 35.18
C VAL A 71 7.24 -16.33 35.09
N GLY A 72 8.31 -16.01 35.81
CA GLY A 72 8.83 -14.66 35.83
C GLY A 72 9.45 -14.21 34.52
N ASP A 73 9.82 -15.14 33.66
CA ASP A 73 10.45 -14.81 32.39
C ASP A 73 9.41 -14.38 31.37
N GLY A 74 9.86 -14.09 30.16
CA GLY A 74 8.98 -13.63 29.10
C GLY A 74 8.37 -14.75 28.29
N GLN A 75 8.16 -15.91 28.91
CA GLN A 75 7.56 -17.03 28.21
C GLN A 75 6.11 -16.70 27.86
N ARG A 76 5.73 -16.97 26.61
CA ARG A 76 4.44 -16.59 26.08
C ARG A 76 3.68 -17.82 25.60
N ILE A 77 2.36 -17.81 25.82
CA ILE A 77 1.44 -18.77 25.23
C ILE A 77 0.50 -17.99 24.31
N TYR A 78 0.13 -18.59 23.18
CA TYR A 78 -0.49 -17.87 22.09
C TYR A 78 -1.95 -18.28 21.95
N LEU A 79 -2.84 -17.29 21.97
CA LEU A 79 -4.28 -17.49 21.88
C LEU A 79 -4.77 -17.02 20.52
N VAL A 80 -5.77 -17.70 19.98
CA VAL A 80 -6.36 -17.37 18.68
C VAL A 80 -7.87 -17.28 18.85
N THR A 81 -8.43 -16.12 18.50
CA THR A 81 -9.87 -15.89 18.59
C THR A 81 -10.17 -14.57 17.90
N THR A 82 -11.45 -14.21 17.87
CA THR A 82 -11.85 -12.94 17.29
C THR A 82 -11.72 -11.83 18.33
N TYR A 83 -11.71 -10.58 17.84
CA TYR A 83 -11.65 -9.44 18.75
C TYR A 83 -12.88 -9.41 19.66
N ALA A 84 -14.06 -9.67 19.09
CA ALA A 84 -15.28 -9.62 19.88
C ALA A 84 -15.24 -10.64 21.01
N GLU A 85 -14.91 -11.90 20.68
CA GLU A 85 -14.90 -12.93 21.71
C GLU A 85 -13.81 -12.68 22.75
N PHE A 86 -12.63 -12.24 22.30
CA PHE A 86 -11.56 -11.93 23.26
C PHE A 86 -12.03 -10.89 24.25
N TRP A 87 -12.61 -9.78 23.76
CA TRP A 87 -13.08 -8.73 24.66
C TRP A 87 -14.15 -9.25 25.62
N PHE A 88 -14.97 -10.21 25.17
CA PHE A 88 -16.01 -10.75 26.03
C PHE A 88 -15.43 -11.27 27.34
N TYR A 89 -14.42 -12.14 27.25
CA TYR A 89 -13.82 -12.75 28.43
C TYR A 89 -12.67 -11.93 29.01
N TYR A 90 -12.38 -10.77 28.43
CA TYR A 90 -11.25 -9.94 28.83
C TYR A 90 -11.66 -8.67 29.57
N LYS A 91 -12.82 -8.10 29.25
CA LYS A 91 -13.15 -6.76 29.72
C LYS A 91 -13.23 -6.67 31.24
N SER A 92 -13.68 -7.73 31.90
CA SER A 92 -13.80 -7.68 33.36
C SER A 92 -12.46 -7.49 34.04
N ARG A 93 -11.36 -7.82 33.37
CA ARG A 93 -10.01 -7.71 33.92
C ARG A 93 -9.81 -8.64 35.11
N LYS A 94 -10.67 -9.63 35.28
CA LYS A 94 -10.48 -10.66 36.28
C LYS A 94 -9.60 -11.80 35.76
N ASN A 95 -9.75 -12.15 34.50
CA ASN A 95 -8.93 -13.13 33.82
C ASN A 95 -8.19 -12.45 32.67
N LEU A 96 -7.37 -13.24 31.97
CA LEU A 96 -6.63 -12.75 30.81
C LEU A 96 -5.84 -11.49 31.16
N LEU A 97 -5.13 -11.55 32.28
CA LEU A 97 -4.20 -10.49 32.64
C LEU A 97 -2.87 -10.70 31.93
N HIS A 98 -2.18 -9.59 31.65
CA HIS A 98 -0.87 -9.62 31.01
C HIS A 98 -0.95 -10.24 29.62
N CYS A 99 -1.69 -9.55 28.75
CA CYS A 99 -1.90 -9.97 27.37
C CYS A 99 -1.21 -9.00 26.42
N TYR A 100 -0.80 -9.51 25.27
CA TYR A 100 -0.10 -8.72 24.26
C TYR A 100 -0.69 -9.01 22.88
N GLU A 101 -0.78 -7.97 22.05
CA GLU A 101 -1.12 -8.15 20.66
C GLU A 101 0.13 -8.56 19.88
N VAL A 102 0.00 -9.59 19.05
CA VAL A 102 1.06 -9.97 18.13
C VAL A 102 0.83 -9.24 16.81
N ILE A 103 1.76 -8.37 16.45
CA ILE A 103 1.67 -7.62 15.19
C ILE A 103 2.24 -8.50 14.09
N PRO A 104 1.41 -9.12 13.25
CA PRO A 104 1.95 -10.10 12.28
C PRO A 104 2.83 -9.43 11.24
N GLU A 105 3.91 -10.12 10.89
CA GLU A 105 4.77 -9.65 9.81
C GLU A 105 3.98 -9.58 8.51
N ASN A 106 4.32 -8.59 7.69
CA ASN A 106 3.71 -8.40 6.37
C ASN A 106 2.21 -8.12 6.45
N ALA A 107 1.74 -7.68 7.61
CA ALA A 107 0.35 -7.29 7.80
C ALA A 107 0.24 -5.78 7.91
N VAL A 108 -0.73 -5.20 7.20
CA VAL A 108 -0.92 -3.76 7.26
C VAL A 108 -1.21 -3.36 8.70
N CYS A 109 -0.71 -2.20 9.11
CA CYS A 109 -0.79 -1.81 10.51
C CYS A 109 -0.81 -0.29 10.62
N LYS A 110 -1.23 0.19 11.79
CA LYS A 110 -1.25 1.60 12.08
C LYS A 110 0.15 2.10 12.44
N LEU A 111 0.30 3.42 12.41
CA LEU A 111 1.49 4.05 12.96
C LEU A 111 1.36 4.08 14.49
N TYR A 112 2.35 3.52 15.17
CA TYR A 112 2.33 3.41 16.62
C TYR A 112 3.71 3.74 17.18
N PHE A 113 3.73 4.11 18.46
CA PHE A 113 4.95 4.52 19.12
C PHE A 113 5.04 3.86 20.49
N ASP A 114 6.27 3.56 20.89
CA ASP A 114 6.58 3.15 22.26
C ASP A 114 7.48 4.21 22.87
N LEU A 115 6.99 4.90 23.90
CA LEU A 115 7.68 6.03 24.49
C LEU A 115 8.05 5.72 25.93
N GLU A 116 9.32 5.94 26.27
CA GLU A 116 9.85 5.60 27.58
C GLU A 116 10.97 6.57 27.95
N PHE A 117 11.15 6.77 29.24
CA PHE A 117 12.38 7.33 29.78
C PHE A 117 12.35 7.22 31.30
N ASN A 118 13.53 7.03 31.89
CA ASN A 118 13.66 6.91 33.33
C ASN A 118 13.53 8.27 33.98
N LYS A 119 12.65 8.37 34.98
CA LYS A 119 12.39 9.67 35.61
C LYS A 119 13.60 10.17 36.41
N PRO A 120 14.18 9.37 37.32
CA PRO A 120 15.36 9.87 38.06
C PRO A 120 16.45 10.45 37.16
N ALA A 121 16.80 9.74 36.08
CA ALA A 121 17.88 10.19 35.20
C ALA A 121 17.52 11.43 34.40
N ASN A 122 16.25 11.81 34.34
CA ASN A 122 15.79 12.97 33.57
C ASN A 122 14.91 13.82 34.47
N PRO A 123 15.51 14.63 35.36
CA PRO A 123 14.69 15.36 36.33
C PRO A 123 13.88 16.49 35.71
N GLY A 124 14.42 17.18 34.71
CA GLY A 124 13.72 18.27 34.07
C GLY A 124 12.80 17.85 32.95
N ALA A 125 12.71 16.56 32.64
CA ALA A 125 11.91 16.12 31.51
C ALA A 125 10.43 16.23 31.80
N ASP A 126 9.69 16.84 30.89
CA ASP A 126 8.23 16.92 30.94
C ASP A 126 7.72 16.01 29.83
N GLY A 127 7.50 14.74 30.17
CA GLY A 127 7.08 13.78 29.16
C GLY A 127 5.79 14.18 28.47
N LYS A 128 4.87 14.78 29.22
CA LYS A 128 3.62 15.24 28.62
C LYS A 128 3.87 16.20 27.48
N LYS A 129 4.93 17.01 27.57
CA LYS A 129 5.24 18.00 26.55
C LYS A 129 6.09 17.42 25.44
N MET A 130 7.00 16.50 25.75
CA MET A 130 7.74 15.81 24.68
C MET A 130 6.78 15.05 23.77
N VAL A 131 5.72 14.48 24.35
CA VAL A 131 4.74 13.76 23.54
C VAL A 131 4.06 14.71 22.55
N ALA A 132 3.60 15.86 23.05
CA ALA A 132 2.95 16.84 22.18
C ALA A 132 3.90 17.28 21.06
N LEU A 133 5.14 17.61 21.42
CA LEU A 133 6.12 18.02 20.42
C LEU A 133 6.39 16.90 19.41
N LEU A 134 6.45 15.66 19.89
CA LEU A 134 6.68 14.54 18.98
C LEU A 134 5.52 14.40 17.99
N ILE A 135 4.28 14.50 18.49
CA ILE A 135 3.13 14.33 17.61
C ILE A 135 3.12 15.41 16.53
N GLU A 136 3.45 16.64 16.90
CA GLU A 136 3.46 17.72 15.91
C GLU A 136 4.48 17.46 14.81
N TYR A 137 5.68 17.00 15.19
CA TYR A 137 6.71 16.70 14.20
C TYR A 137 6.26 15.57 13.28
N VAL A 138 5.76 14.48 13.86
CA VAL A 138 5.34 13.33 13.05
C VAL A 138 4.22 13.73 12.11
N CYS A 139 3.28 14.53 12.59
CA CYS A 139 2.18 14.98 11.74
C CYS A 139 2.69 15.83 10.58
N LYS A 140 3.69 16.67 10.84
CA LYS A 140 4.31 17.43 9.76
C LYS A 140 5.03 16.51 8.79
N ALA A 141 5.73 15.50 9.30
CA ALA A 141 6.42 14.55 8.44
C ALA A 141 5.43 13.81 7.54
N LEU A 142 4.33 13.33 8.12
CA LEU A 142 3.33 12.63 7.32
C LEU A 142 2.76 13.54 6.25
N GLN A 143 2.62 14.83 6.55
CA GLN A 143 2.10 15.77 5.56
C GLN A 143 3.08 15.97 4.41
N GLU A 144 4.36 16.19 4.74
CA GLU A 144 5.34 16.49 3.69
C GLU A 144 5.73 15.25 2.90
N LEU A 145 5.85 14.11 3.56
CA LEU A 145 6.32 12.90 2.90
C LEU A 145 5.21 12.14 2.20
N TYR A 146 3.99 12.15 2.75
CA TYR A 146 2.89 11.34 2.23
C TYR A 146 1.64 12.14 1.92
N GLY A 147 1.64 13.45 2.17
CA GLY A 147 0.43 14.23 2.00
C GLY A 147 -0.70 13.80 2.91
N VAL A 148 -0.38 13.16 4.03
CA VAL A 148 -1.38 12.68 4.98
C VAL A 148 -1.62 13.76 6.02
N ASN A 149 -2.89 14.11 6.23
CA ASN A 149 -3.30 15.10 7.21
C ASN A 149 -3.71 14.39 8.50
N CYS A 150 -3.23 14.91 9.63
CA CYS A 150 -3.61 14.36 10.92
C CYS A 150 -3.07 15.28 12.01
N SER A 151 -3.65 15.19 13.19
CA SER A 151 -3.30 16.02 14.33
C SER A 151 -3.34 15.17 15.59
N ALA A 152 -3.12 15.82 16.74
CA ALA A 152 -3.15 15.11 18.01
C ALA A 152 -4.52 14.48 18.28
N GLU A 153 -5.58 15.04 17.70
CA GLU A 153 -6.92 14.47 17.88
C GLU A 153 -7.05 13.08 17.26
N ASP A 154 -6.10 12.66 16.43
CA ASP A 154 -6.12 11.34 15.81
C ASP A 154 -5.18 10.36 16.48
N VAL A 155 -4.67 10.68 17.67
CA VAL A 155 -3.63 9.90 18.32
C VAL A 155 -4.17 9.39 19.65
N LEU A 156 -4.35 8.07 19.75
CA LEU A 156 -4.74 7.45 21.01
C LEU A 156 -3.52 7.41 21.93
N ASN A 157 -3.62 8.10 23.06
CA ASN A 157 -2.52 8.24 24.01
C ASN A 157 -2.79 7.33 25.21
N LEU A 158 -1.98 6.30 25.36
CA LEU A 158 -2.08 5.36 26.47
C LEU A 158 -0.88 5.53 27.40
N ASP A 159 -1.11 5.33 28.69
CA ASP A 159 -0.09 5.54 29.71
C ASP A 159 0.03 4.31 30.60
N SER A 160 1.27 4.05 31.04
CA SER A 160 1.56 2.96 31.96
C SER A 160 2.71 3.36 32.87
N SER A 161 2.76 4.63 33.24
CA SER A 161 3.89 5.17 33.98
C SER A 161 3.88 4.68 35.43
N THR A 162 5.03 4.82 36.07
CA THR A 162 5.20 4.48 37.48
C THR A 162 6.04 5.58 38.12
N ASP A 163 6.38 5.38 39.40
CA ASP A 163 7.24 6.34 40.09
C ASP A 163 8.60 6.45 39.41
N GLU A 164 9.06 5.37 38.76
CA GLU A 164 10.40 5.31 38.20
C GLU A 164 10.46 5.44 36.70
N LYS A 165 9.37 5.16 35.98
CA LYS A 165 9.39 5.12 34.52
C LYS A 165 8.19 5.87 33.96
N PHE A 166 8.48 6.83 33.07
CA PHE A 166 7.46 7.44 32.24
C PHE A 166 7.24 6.57 31.01
N SER A 167 6.03 6.05 30.84
CA SER A 167 5.74 5.08 29.80
C SER A 167 4.44 5.45 29.10
N ARG A 168 4.49 5.57 27.78
CA ARG A 168 3.30 5.87 26.99
C ARG A 168 3.32 5.06 25.70
N HIS A 169 2.15 4.64 25.27
CA HIS A 169 1.94 4.05 23.95
C HIS A 169 1.04 4.98 23.14
N LEU A 170 1.48 5.34 21.95
CA LEU A 170 0.68 6.11 21.01
C LEU A 170 0.30 5.23 19.83
N ILE A 171 -0.97 5.29 19.44
CA ILE A 171 -1.48 4.57 18.27
C ILE A 171 -2.22 5.58 17.43
N PHE A 172 -1.70 5.88 16.24
CA PHE A 172 -2.32 6.85 15.35
C PHE A 172 -3.55 6.23 14.68
N GLN A 173 -4.63 7.01 14.61
CA GLN A 173 -5.86 6.61 13.94
C GLN A 173 -6.00 7.48 12.69
N LEU A 174 -5.35 7.05 11.62
CA LEU A 174 -5.32 7.81 10.38
C LEU A 174 -6.52 7.45 9.51
N HIS A 175 -7.08 8.45 8.86
CA HIS A 175 -8.30 8.28 8.07
C HIS A 175 -7.96 7.59 6.75
N ASP A 176 -8.37 6.33 6.62
CA ASP A 176 -8.20 5.58 5.38
C ASP A 176 -6.74 5.45 4.98
N VAL A 177 -5.84 5.39 5.95
CA VAL A 177 -4.41 5.27 5.71
C VAL A 177 -3.84 4.22 6.65
N ALA A 178 -2.84 3.50 6.16
CA ALA A 178 -2.12 2.53 6.98
C ALA A 178 -0.75 2.29 6.35
N PHE A 179 0.15 1.72 7.14
CA PHE A 179 1.46 1.35 6.66
C PHE A 179 1.45 -0.10 6.18
N LYS A 180 2.30 -0.39 5.19
CA LYS A 180 2.34 -1.72 4.61
C LYS A 180 2.56 -2.79 5.68
N ASP A 181 3.41 -2.49 6.66
CA ASP A 181 3.62 -3.37 7.81
C ASP A 181 4.48 -2.60 8.82
N ASN A 182 4.66 -3.21 9.99
CA ASN A 182 5.35 -2.51 11.06
C ASN A 182 6.82 -2.30 10.75
N ILE A 183 7.42 -3.13 9.90
CA ILE A 183 8.79 -2.89 9.46
C ILE A 183 8.88 -1.56 8.73
N HIS A 184 7.92 -1.30 7.83
CA HIS A 184 7.92 -0.03 7.10
C HIS A 184 7.66 1.14 8.04
N VAL A 185 6.88 0.94 9.10
CA VAL A 185 6.72 1.99 10.11
C VAL A 185 8.08 2.35 10.70
N GLY A 186 8.86 1.33 11.05
CA GLY A 186 10.18 1.58 11.59
C GLY A 186 11.07 2.33 10.62
N ASN A 187 11.06 1.93 9.34
CA ASN A 187 11.85 2.64 8.34
C ASN A 187 11.43 4.10 8.25
N PHE A 188 10.12 4.36 8.35
CA PHE A 188 9.64 5.74 8.29
C PHE A 188 10.15 6.55 9.47
N LEU A 189 10.19 5.95 10.66
CA LEU A 189 10.60 6.70 11.85
C LEU A 189 12.11 6.88 11.90
N ARG A 190 12.87 5.84 11.56
CA ARG A 190 14.32 5.99 11.47
C ARG A 190 14.68 7.08 10.46
N LYS A 191 13.89 7.23 9.41
CA LYS A 191 14.18 8.25 8.40
C LYS A 191 13.95 9.65 8.96
N ILE A 192 12.77 9.89 9.54
CA ILE A 192 12.44 11.24 10.01
C ILE A 192 13.12 11.57 11.33
N LEU A 193 13.61 10.58 12.07
CA LEU A 193 14.30 10.80 13.33
C LEU A 193 15.82 10.73 13.17
N GLN A 194 16.32 10.67 11.94
CA GLN A 194 17.77 10.64 11.74
C GLN A 194 18.47 11.81 12.41
N PRO A 195 17.95 13.05 12.36
CA PRO A 195 18.61 14.13 13.12
C PRO A 195 18.80 13.77 14.59
N ALA A 196 17.72 13.38 15.28
CA ALA A 196 17.84 13.03 16.69
C ALA A 196 18.84 11.91 16.90
N LEU A 197 18.86 10.92 15.99
CA LEU A 197 19.82 9.82 16.13
C LEU A 197 21.26 10.32 16.01
N ASP A 198 21.49 11.40 15.26
CA ASP A 198 22.82 11.97 15.17
C ASP A 198 23.23 12.63 16.48
N LEU A 199 22.27 13.22 17.21
CA LEU A 199 22.59 13.85 18.48
C LEU A 199 23.18 12.87 19.48
N LEU A 200 22.93 11.57 19.31
CA LEU A 200 23.44 10.56 20.22
C LEU A 200 24.90 10.26 19.92
N PRO A 261 16.29 20.15 11.66
CA PRO A 261 15.56 20.74 12.78
C PRO A 261 16.00 20.22 14.15
N ASP A 262 15.71 20.99 15.19
CA ASP A 262 16.17 20.65 16.54
C ASP A 262 15.22 19.63 17.15
N LEU A 263 15.67 18.38 17.25
CA LEU A 263 14.91 17.30 17.85
C LEU A 263 15.47 16.90 19.21
N SER A 264 16.24 17.78 19.85
CA SER A 264 16.92 17.42 21.09
C SER A 264 15.96 17.05 22.20
N PHE A 265 14.70 17.48 22.14
CA PHE A 265 13.74 17.12 23.18
C PHE A 265 13.50 15.61 23.22
N LEU A 266 13.88 14.88 22.16
CA LEU A 266 13.75 13.43 22.15
C LEU A 266 14.89 12.73 22.86
N VAL A 267 15.98 13.43 23.17
CA VAL A 267 17.15 12.79 23.78
C VAL A 267 16.93 12.69 25.28
N VAL A 268 17.12 11.48 25.81
CA VAL A 268 16.99 11.20 27.23
C VAL A 268 18.14 10.32 27.67
N LYS A 269 18.27 10.14 28.99
CA LYS A 269 19.29 9.30 29.57
C LYS A 269 18.64 8.13 30.30
N ASN A 270 19.32 6.99 30.27
CA ASN A 270 18.82 5.78 30.92
C ASN A 270 19.41 5.70 32.33
N ASN A 271 19.25 4.53 32.97
CA ASN A 271 19.69 4.37 34.34
C ASN A 271 21.21 4.50 34.47
N MET A 272 21.95 4.15 33.41
CA MET A 272 23.40 4.21 33.43
C MET A 272 23.95 5.53 32.90
N GLY A 273 23.09 6.46 32.50
CA GLY A 273 23.54 7.74 31.98
C GLY A 273 23.79 7.78 30.50
N GLU A 274 23.52 6.70 29.77
CA GLU A 274 23.72 6.67 28.33
C GLU A 274 22.59 7.42 27.64
N LYS A 275 22.95 8.27 26.68
CA LYS A 275 21.94 9.03 25.95
C LYS A 275 21.19 8.11 24.98
N HIS A 276 19.86 8.15 25.07
CA HIS A 276 19.00 7.36 24.20
C HIS A 276 17.87 8.24 23.71
N LEU A 277 17.10 7.71 22.76
CA LEU A 277 15.97 8.44 22.20
C LEU A 277 14.71 8.17 23.01
N PHE A 278 13.89 9.21 23.14
CA PHE A 278 12.58 9.08 23.78
C PHE A 278 11.71 8.07 23.07
N VAL A 279 11.94 7.87 21.77
CA VAL A 279 11.20 6.91 20.97
C VAL A 279 12.01 5.62 20.92
N ASP A 280 11.40 4.52 21.37
CA ASP A 280 12.05 3.21 21.31
C ASP A 280 11.87 2.64 19.91
N LEU A 281 12.96 2.60 19.15
CA LEU A 281 12.92 2.16 17.76
C LEU A 281 13.08 0.65 17.61
N GLY A 282 13.11 -0.10 18.72
CA GLY A 282 13.23 -1.54 18.67
C GLY A 282 11.93 -2.31 18.60
N VAL A 283 10.78 -1.63 18.60
CA VAL A 283 9.49 -2.31 18.63
C VAL A 283 8.94 -2.48 17.22
N TYR A 284 9.78 -2.26 16.21
CA TYR A 284 9.33 -2.41 14.83
C TYR A 284 9.98 -3.63 14.21
N THR A 285 9.79 -4.78 14.86
CA THR A 285 10.35 -6.05 14.43
C THR A 285 9.23 -7.00 14.04
N ARG A 286 9.61 -8.08 13.35
CA ARG A 286 8.62 -9.04 12.88
C ARG A 286 7.97 -9.74 14.06
N ASN A 287 6.63 -9.74 14.06
CA ASN A 287 5.83 -10.40 15.09
C ASN A 287 6.03 -9.79 16.47
N ARG A 288 6.45 -8.52 16.53
CA ARG A 288 6.58 -7.81 17.80
C ARG A 288 5.30 -7.94 18.60
N ASN A 289 5.42 -8.27 19.89
CA ASN A 289 4.22 -8.23 20.72
C ASN A 289 4.09 -6.80 21.25
N PHE A 290 2.87 -6.39 21.58
CA PHE A 290 2.64 -5.03 22.05
C PHE A 290 1.55 -5.08 23.10
N ARG A 291 1.92 -4.75 24.34
CA ARG A 291 1.03 -4.91 25.48
C ARG A 291 -0.34 -4.32 25.21
N LEU A 292 -1.38 -5.08 25.53
CA LEU A 292 -2.74 -4.67 25.23
C LEU A 292 -3.20 -3.57 26.18
N TYR A 293 -4.09 -2.72 25.66
CA TYR A 293 -4.86 -1.82 26.48
C TYR A 293 -5.42 -2.56 27.69
N LYS A 294 -5.20 -2.01 28.88
CA LYS A 294 -5.69 -2.54 30.15
C LYS A 294 -4.96 -3.81 30.58
N SER A 295 -3.76 -4.07 30.06
CA SER A 295 -2.93 -5.16 30.53
C SER A 295 -1.62 -4.62 31.10
N SER A 296 -1.04 -5.40 32.01
CA SER A 296 0.24 -5.08 32.64
C SER A 296 1.21 -6.23 32.44
N LYS A 297 2.50 -5.93 32.62
CA LYS A 297 3.50 -6.99 32.62
C LYS A 297 3.30 -7.90 33.82
N ILE A 298 3.70 -9.16 33.66
CA ILE A 298 3.46 -10.15 34.72
C ILE A 298 4.18 -9.75 36.00
N GLY A 299 5.28 -9.02 35.89
CA GLY A 299 6.04 -8.62 37.06
C GLY A 299 5.39 -7.48 37.82
N LYS A 300 4.85 -6.52 37.09
CA LYS A 300 4.28 -5.31 37.68
C LYS A 300 2.76 -5.44 37.79
N ARG A 301 2.11 -4.33 38.16
CA ARG A 301 0.66 -4.28 38.26
C ARG A 301 0.07 -3.05 37.58
N VAL A 302 0.89 -2.26 36.88
CA VAL A 302 0.43 -1.07 36.19
C VAL A 302 -0.02 -1.46 34.79
N ALA A 303 -1.28 -1.20 34.46
CA ALA A 303 -1.86 -1.55 33.18
C ALA A 303 -1.97 -0.31 32.29
N LEU A 304 -1.91 -0.53 30.99
CA LEU A 304 -2.06 0.56 30.04
C LEU A 304 -3.48 1.12 30.11
N GLU A 305 -3.59 2.43 30.30
CA GLU A 305 -4.88 3.10 30.39
C GLU A 305 -4.81 4.39 29.58
N VAL A 306 -5.98 4.84 29.11
CA VAL A 306 -6.04 6.08 28.34
C VAL A 306 -5.48 7.22 29.18
N THR A 307 -4.58 7.99 28.58
CA THR A 307 -3.91 9.06 29.30
C THR A 307 -4.90 10.18 29.62
N GLU A 308 -4.60 10.91 30.70
CA GLU A 308 -5.48 12.00 31.12
C GLU A 308 -5.70 13.00 30.00
N ASP A 309 -4.65 13.38 29.27
CA ASP A 309 -4.75 14.38 28.22
C ASP A 309 -4.90 13.76 26.84
N ASN A 310 -5.40 12.52 26.76
CA ASN A 310 -5.66 11.92 25.47
C ASN A 310 -6.71 12.73 24.72
N LYS A 311 -6.51 12.89 23.41
CA LYS A 311 -7.39 13.72 22.60
C LYS A 311 -8.12 12.97 21.50
N PHE A 312 -7.92 11.66 21.38
CA PHE A 312 -8.67 10.88 20.40
C PHE A 312 -9.92 10.31 21.05
N PHE A 313 -11.08 10.58 20.45
CA PHE A 313 -12.36 10.10 20.95
C PHE A 313 -13.06 9.30 19.87
N PRO A 314 -13.20 7.99 20.03
CA PRO A 314 -13.89 7.20 18.99
C PRO A 314 -15.31 7.68 18.80
N ILE A 315 -15.83 7.46 17.59
CA ILE A 315 -17.22 7.79 17.28
C ILE A 315 -18.12 6.87 18.10
N GLN A 316 -18.94 7.45 18.97
CA GLN A 316 -19.77 6.65 19.85
C GLN A 316 -20.85 5.93 19.04
N SER A 317 -21.09 4.66 19.40
CA SER A 317 -22.05 3.82 18.71
C SER A 317 -22.93 3.12 19.73
N LYS A 318 -24.24 3.06 19.44
CA LYS A 318 -25.17 2.42 20.35
C LYS A 318 -25.02 0.91 20.42
N ASP A 319 -24.24 0.31 19.53
CA ASP A 319 -24.13 -1.14 19.43
C ASP A 319 -22.88 -1.71 20.07
N VAL A 320 -21.93 -0.86 20.47
CA VAL A 320 -20.71 -1.29 21.14
C VAL A 320 -20.41 -0.33 22.28
N SER A 321 -19.78 -0.86 23.32
CA SER A 321 -19.38 -0.02 24.44
C SER A 321 -18.23 0.89 24.04
N ASP A 322 -18.08 1.99 24.78
CA ASP A 322 -16.97 2.90 24.53
C ASP A 322 -15.64 2.22 24.76
N GLU A 323 -15.55 1.39 25.81
CA GLU A 323 -14.30 0.71 26.10
C GLU A 323 -13.90 -0.21 24.95
N TYR A 324 -14.86 -0.93 24.37
CA TYR A 324 -14.57 -1.77 23.23
C TYR A 324 -14.05 -0.94 22.05
N GLN A 325 -14.60 0.27 21.88
CA GLN A 325 -14.11 1.15 20.83
C GLN A 325 -12.65 1.52 21.07
N TYR A 326 -12.31 1.88 22.31
CA TYR A 326 -10.92 2.18 22.63
C TYR A 326 -10.04 0.95 22.43
N PHE A 327 -10.52 -0.22 22.83
CA PHE A 327 -9.78 -1.45 22.60
C PHE A 327 -9.46 -1.63 21.12
N LEU A 328 -10.49 -1.58 20.27
CA LEU A 328 -10.27 -1.73 18.83
C LEU A 328 -9.32 -0.67 18.30
N SER A 329 -9.48 0.58 18.74
CA SER A 329 -8.58 1.64 18.31
C SER A 329 -7.15 1.35 18.74
N SER A 330 -6.98 0.76 19.92
CA SER A 330 -5.64 0.52 20.44
C SER A 330 -4.91 -0.59 19.71
N LEU A 331 -5.63 -1.47 19.02
CA LEU A 331 -4.99 -2.60 18.35
C LEU A 331 -4.24 -2.09 17.12
N VAL A 332 -2.92 -2.31 17.11
CA VAL A 332 -2.08 -1.76 16.05
C VAL A 332 -2.39 -2.42 14.71
N SER A 333 -2.75 -3.70 14.72
CA SER A 333 -3.01 -4.44 13.50
C SER A 333 -4.46 -4.37 13.05
N ASN A 334 -5.32 -3.67 13.79
CA ASN A 334 -6.75 -3.60 13.48
C ASN A 334 -7.00 -2.41 12.57
N VAL A 335 -6.65 -2.57 11.30
CA VAL A 335 -6.77 -1.49 10.33
C VAL A 335 -8.20 -1.48 9.78
N ARG A 336 -8.90 -0.38 10.03
CA ARG A 336 -10.30 -0.29 9.63
C ARG A 336 -10.43 -0.48 8.13
N PHE A 337 -11.42 -1.27 7.72
CA PHE A 337 -11.70 -1.48 6.31
C PHE A 337 -12.17 -0.17 5.69
N SER A 338 -11.59 0.18 4.53
CA SER A 338 -11.98 1.36 3.78
C SER A 338 -11.90 1.06 2.30
N ASP A 339 -12.88 1.54 1.54
CA ASP A 339 -12.91 1.34 0.11
C ASP A 339 -11.92 2.23 -0.64
N THR A 340 -11.19 3.10 0.07
CA THR A 340 -10.19 3.96 -0.55
C THR A 340 -8.94 4.01 0.31
N LEU A 341 -8.53 2.86 0.84
CA LEU A 341 -7.38 2.81 1.73
C LEU A 341 -6.09 3.15 0.98
N ARG A 342 -5.26 3.98 1.59
CA ARG A 342 -3.92 4.26 1.11
C ARG A 342 -2.91 3.52 1.99
N ILE A 343 -2.00 2.79 1.36
CA ILE A 343 -0.99 2.01 2.06
C ILE A 343 0.36 2.69 1.86
N LEU A 344 0.99 3.10 2.97
CA LEU A 344 2.26 3.80 2.93
C LEU A 344 3.42 2.82 3.04
N THR A 345 4.40 2.97 2.16
CA THR A 345 5.62 2.18 2.20
C THR A 345 6.81 3.10 2.44
N CYS A 346 7.89 2.51 2.97
CA CYS A 346 9.12 3.26 3.20
C CYS A 346 10.27 2.27 3.29
N GLU A 347 11.20 2.35 2.36
CA GLU A 347 12.34 1.43 2.31
C GLU A 347 13.52 2.03 3.06
N PRO A 348 14.47 1.19 3.51
CA PRO A 348 15.64 1.72 4.23
C PRO A 348 16.53 2.59 3.35
N PRO D 38 28.44 -11.03 -21.09
CA PRO D 38 27.15 -10.33 -21.21
C PRO D 38 26.06 -10.96 -20.34
N PRO D 39 25.72 -10.33 -19.21
CA PRO D 39 24.68 -10.89 -18.34
C PRO D 39 23.28 -10.69 -18.92
N SER D 40 22.97 -11.44 -19.97
CA SER D 40 21.70 -11.33 -20.65
C SER D 40 20.69 -12.33 -20.10
N ILE D 41 19.44 -11.91 -20.02
CA ILE D 41 18.32 -12.79 -19.69
C ILE D 41 17.29 -12.65 -20.80
N TRP D 42 17.03 -13.76 -21.50
CA TRP D 42 16.13 -13.73 -22.67
C TRP D 42 15.59 -15.14 -22.85
N ARG D 43 14.32 -15.35 -22.53
CA ARG D 43 13.69 -16.65 -22.66
C ARG D 43 12.31 -16.48 -23.28
N LEU D 44 12.00 -17.34 -24.25
CA LEU D 44 10.70 -17.37 -24.91
C LEU D 44 9.86 -18.52 -24.37
N PHE D 45 8.55 -18.31 -24.30
CA PHE D 45 7.65 -19.29 -23.72
C PHE D 45 6.39 -19.41 -24.57
N HIS D 46 5.87 -20.64 -24.66
CA HIS D 46 4.58 -20.86 -25.29
C HIS D 46 3.43 -20.55 -24.33
N ARG D 47 3.63 -20.77 -23.04
CA ARG D 47 2.60 -20.59 -22.02
C ARG D 47 2.96 -19.42 -21.13
N GLN D 48 2.01 -18.49 -20.98
CA GLN D 48 2.19 -17.36 -20.08
C GLN D 48 2.50 -17.83 -18.65
N ALA D 49 1.91 -18.94 -18.23
CA ALA D 49 2.15 -19.44 -16.88
C ALA D 49 3.62 -19.82 -16.68
N GLN D 50 4.28 -20.33 -17.71
CA GLN D 50 5.69 -20.66 -17.60
C GLN D 50 6.54 -19.39 -17.57
N ALA D 51 6.15 -18.38 -18.35
CA ALA D 51 6.87 -17.11 -18.32
C ALA D 51 6.88 -16.52 -16.91
N PHE D 52 5.72 -16.54 -16.23
CA PHE D 52 5.68 -16.03 -14.87
C PHE D 52 6.44 -16.93 -13.91
N ASN D 53 6.47 -18.24 -14.16
CA ASN D 53 7.31 -19.12 -13.36
C ASN D 53 8.76 -18.68 -13.44
N PHE D 54 9.23 -18.34 -14.64
CA PHE D 54 10.62 -17.92 -14.81
C PHE D 54 10.87 -16.59 -14.08
N VAL D 55 9.95 -15.63 -14.20
CA VAL D 55 10.11 -14.37 -13.48
C VAL D 55 10.29 -14.64 -11.98
N LYS D 56 9.48 -15.54 -11.42
CA LYS D 56 9.59 -15.85 -10.01
C LYS D 56 10.84 -16.66 -9.71
N SER D 57 11.24 -17.53 -10.63
CA SER D 57 12.37 -18.42 -10.38
C SER D 57 13.70 -17.69 -10.52
N CYS D 58 13.83 -16.80 -11.50
CA CYS D 58 15.08 -16.09 -11.69
C CYS D 58 15.24 -14.95 -10.70
N LYS D 59 14.14 -14.40 -10.19
CA LYS D 59 14.15 -13.37 -9.16
C LYS D 59 14.90 -12.11 -9.60
N GLU D 60 15.09 -11.93 -10.90
CA GLU D 60 15.73 -10.74 -11.44
C GLU D 60 14.67 -9.74 -11.89
N ASP D 61 15.13 -8.55 -12.24
CA ASP D 61 14.24 -7.45 -12.63
C ASP D 61 13.80 -7.63 -14.07
N VAL D 62 13.00 -8.69 -14.29
CA VAL D 62 12.53 -9.06 -15.62
C VAL D 62 11.02 -8.91 -15.66
N HIS D 63 10.50 -8.86 -16.89
CA HIS D 63 9.08 -8.63 -17.12
C HIS D 63 8.63 -9.44 -18.32
N VAL D 64 7.31 -9.59 -18.46
CA VAL D 64 6.72 -10.48 -19.44
C VAL D 64 6.12 -9.64 -20.56
N PHE D 65 6.53 -9.95 -21.80
CA PHE D 65 5.96 -9.35 -22.99
C PHE D 65 5.26 -10.43 -23.81
N ALA D 66 4.20 -10.03 -24.49
CA ALA D 66 3.46 -10.90 -25.39
C ALA D 66 3.72 -10.48 -26.82
N LEU D 67 3.97 -11.46 -27.69
CA LEU D 67 4.24 -11.22 -29.10
C LEU D 67 3.21 -11.95 -29.94
N GLU D 68 2.53 -11.21 -30.82
CA GLU D 68 1.52 -11.79 -31.69
C GLU D 68 2.18 -12.54 -32.84
N CYS D 69 1.83 -13.82 -32.99
CA CYS D 69 2.45 -14.67 -33.99
C CYS D 69 1.85 -14.42 -35.37
N LYS D 70 2.66 -14.65 -36.40
CA LYS D 70 2.30 -14.38 -37.79
C LYS D 70 0.86 -14.77 -38.11
N VAL D 71 0.33 -15.79 -37.44
CA VAL D 71 -1.04 -16.22 -37.69
C VAL D 71 -1.97 -15.03 -37.55
N GLY D 72 -2.89 -14.89 -38.50
CA GLY D 72 -3.83 -13.79 -38.49
C GLY D 72 -4.89 -13.92 -37.42
N ASP D 73 -4.46 -14.09 -36.18
CA ASP D 73 -5.37 -14.22 -35.05
C ASP D 73 -4.66 -13.67 -33.81
N GLY D 74 -5.16 -14.04 -32.64
CA GLY D 74 -4.64 -13.53 -31.38
C GLY D 74 -3.60 -14.38 -30.71
N GLN D 75 -3.14 -15.46 -31.34
CA GLN D 75 -2.11 -16.31 -30.75
C GLN D 75 -0.91 -15.48 -30.34
N ARG D 76 -0.38 -15.76 -29.15
CA ARG D 76 0.77 -15.04 -28.63
C ARG D 76 1.80 -16.02 -28.07
N ILE D 77 3.06 -15.63 -28.18
CA ILE D 77 4.14 -16.22 -27.40
C ILE D 77 4.62 -15.16 -26.41
N TYR D 78 5.32 -15.61 -25.38
CA TYR D 78 5.67 -14.76 -24.25
C TYR D 78 7.18 -14.72 -24.07
N LEU D 79 7.69 -13.51 -23.86
CA LEU D 79 9.12 -13.25 -23.72
C LEU D 79 9.39 -12.68 -22.34
N VAL D 80 10.47 -13.15 -21.72
CA VAL D 80 10.89 -12.65 -20.41
C VAL D 80 12.30 -12.09 -20.56
N THR D 81 12.46 -10.82 -20.23
CA THR D 81 13.76 -10.14 -20.28
C THR D 81 13.64 -8.83 -19.51
N THR D 82 14.71 -8.06 -19.49
CA THR D 82 14.71 -6.77 -18.85
C THR D 82 14.18 -5.70 -19.80
N TYR D 83 13.76 -4.57 -19.23
CA TYR D 83 13.33 -3.45 -20.06
C TYR D 83 14.46 -2.96 -20.95
N ALA D 84 15.68 -2.89 -20.41
CA ALA D 84 16.79 -2.36 -21.18
C ALA D 84 17.17 -3.29 -22.34
N GLU D 85 17.27 -4.58 -22.07
CA GLU D 85 17.64 -5.52 -23.13
C GLU D 85 16.53 -5.63 -24.17
N PHE D 86 15.27 -5.60 -23.73
CA PHE D 86 14.16 -5.60 -24.68
C PHE D 86 14.24 -4.40 -25.61
N TRP D 87 14.39 -3.21 -25.05
CA TRP D 87 14.49 -2.01 -25.87
C TRP D 87 15.68 -2.10 -26.83
N PHE D 88 16.78 -2.69 -26.38
CA PHE D 88 17.97 -2.80 -27.22
C PHE D 88 17.65 -3.45 -28.57
N TYR D 89 16.87 -4.53 -28.55
CA TYR D 89 16.51 -5.24 -29.77
C TYR D 89 15.21 -4.76 -30.37
N TYR D 90 14.43 -3.97 -29.64
CA TYR D 90 13.11 -3.52 -30.08
C TYR D 90 13.16 -2.16 -30.77
N LYS D 91 14.13 -1.32 -30.42
CA LYS D 91 14.07 0.10 -30.82
C LYS D 91 14.18 0.27 -32.33
N SER D 92 14.82 -0.67 -33.03
CA SER D 92 14.95 -0.55 -34.48
C SER D 92 13.59 -0.39 -35.15
N ARG D 93 12.58 -1.09 -34.64
CA ARG D 93 11.27 -1.21 -35.29
C ARG D 93 11.37 -1.87 -36.66
N LYS D 94 12.43 -2.65 -36.89
CA LYS D 94 12.50 -3.58 -38.00
C LYS D 94 12.24 -5.02 -37.54
N ASN D 95 12.20 -5.24 -36.22
CA ASN D 95 11.95 -6.53 -35.61
C ASN D 95 11.07 -6.34 -34.38
N LEU D 96 10.75 -7.47 -33.73
CA LEU D 96 9.85 -7.50 -32.57
C LEU D 96 8.60 -6.67 -32.84
N LEU D 97 7.99 -6.92 -33.99
CA LEU D 97 6.77 -6.21 -34.38
C LEU D 97 5.56 -6.82 -33.68
N HIS D 98 4.65 -5.96 -33.26
CA HIS D 98 3.40 -6.40 -32.63
C HIS D 98 3.67 -7.01 -31.26
N CYS D 99 3.98 -6.15 -30.28
CA CYS D 99 4.32 -6.58 -28.93
C CYS D 99 3.36 -5.94 -27.94
N TYR D 100 3.17 -6.61 -26.81
CA TYR D 100 2.27 -6.14 -25.77
C TYR D 100 2.92 -6.33 -24.41
N GLU D 101 2.66 -5.40 -23.49
CA GLU D 101 3.02 -5.57 -22.10
C GLU D 101 1.96 -6.42 -21.40
N VAL D 102 2.41 -7.40 -20.63
CA VAL D 102 1.51 -8.21 -19.81
C VAL D 102 1.52 -7.61 -18.41
N ILE D 103 0.42 -6.93 -18.05
CA ILE D 103 0.26 -6.33 -16.73
C ILE D 103 -0.02 -7.45 -15.74
N PRO D 104 0.96 -7.88 -14.95
CA PRO D 104 0.74 -9.08 -14.11
C PRO D 104 -0.31 -8.83 -13.04
N GLU D 105 -1.09 -9.87 -12.77
CA GLU D 105 -2.10 -9.78 -11.72
C GLU D 105 -1.45 -9.60 -10.37
N ASN D 106 -2.07 -8.78 -9.52
CA ASN D 106 -1.65 -8.52 -8.15
C ASN D 106 -0.38 -7.69 -8.06
N ALA D 107 0.11 -7.14 -9.16
CA ALA D 107 1.29 -6.28 -9.16
C ALA D 107 0.86 -4.82 -9.17
N VAL D 108 1.60 -3.99 -8.43
CA VAL D 108 1.32 -2.56 -8.44
C VAL D 108 1.47 -2.04 -9.86
N CYS D 109 0.64 -1.06 -10.21
CA CYS D 109 0.61 -0.56 -11.57
C CYS D 109 0.21 0.90 -11.58
N LYS D 110 0.45 1.54 -12.72
CA LYS D 110 0.04 2.92 -12.93
C LYS D 110 -1.44 2.99 -13.27
N LEU D 111 -2.01 4.18 -13.07
CA LEU D 111 -3.34 4.47 -13.61
C LEU D 111 -3.23 4.63 -15.13
N TYR D 112 -4.07 3.91 -15.86
CA TYR D 112 -4.02 3.94 -17.31
C TYR D 112 -5.44 3.88 -17.87
N PHE D 113 -5.57 4.31 -19.12
CA PHE D 113 -6.86 4.39 -19.80
C PHE D 113 -6.72 3.86 -21.22
N ASP D 114 -7.77 3.18 -21.69
CA ASP D 114 -7.93 2.83 -23.09
C ASP D 114 -9.15 3.58 -23.61
N LEU D 115 -8.91 4.59 -24.44
CA LEU D 115 -9.95 5.48 -24.94
C LEU D 115 -10.19 5.22 -26.41
N GLU D 116 -11.46 5.14 -26.81
CA GLU D 116 -11.78 4.83 -28.19
C GLU D 116 -13.24 5.17 -28.49
N PHE D 117 -13.48 5.60 -29.73
CA PHE D 117 -14.82 5.68 -30.28
C PHE D 117 -14.72 5.65 -31.80
N ASN D 118 -15.84 5.30 -32.43
CA ASN D 118 -15.90 5.26 -33.89
C ASN D 118 -16.20 6.66 -34.42
N LYS D 119 -15.37 7.13 -35.36
CA LYS D 119 -15.53 8.50 -35.84
C LYS D 119 -16.78 8.67 -36.68
N PRO D 120 -17.03 7.84 -37.72
CA PRO D 120 -18.28 8.00 -38.48
C PRO D 120 -19.53 8.03 -37.63
N ALA D 121 -19.55 7.26 -36.52
CA ALA D 121 -20.71 7.24 -35.65
C ALA D 121 -20.77 8.42 -34.70
N ASN D 122 -19.72 9.23 -34.62
CA ASN D 122 -19.68 10.37 -33.70
C ASN D 122 -19.02 11.55 -34.41
N PRO D 123 -19.65 12.05 -35.49
CA PRO D 123 -19.04 13.16 -36.23
C PRO D 123 -18.91 14.43 -35.43
N GLY D 124 -19.68 14.59 -34.35
CA GLY D 124 -19.64 15.76 -33.50
C GLY D 124 -18.79 15.62 -32.27
N ALA D 125 -18.05 14.53 -32.12
CA ALA D 125 -17.22 14.30 -30.95
C ALA D 125 -15.83 14.88 -31.20
N ASP D 126 -15.40 15.77 -30.29
CA ASP D 126 -14.05 16.34 -30.32
C ASP D 126 -13.22 15.53 -29.33
N GLY D 127 -12.57 14.48 -29.84
CA GLY D 127 -11.78 13.62 -28.96
C GLY D 127 -10.69 14.36 -28.24
N LYS D 128 -10.09 15.37 -28.88
CA LYS D 128 -9.03 16.16 -28.26
C LYS D 128 -9.52 16.77 -26.94
N LYS D 129 -10.66 17.45 -26.98
CA LYS D 129 -11.17 18.10 -25.77
C LYS D 129 -11.76 17.09 -24.80
N MET D 130 -12.33 15.99 -25.30
CA MET D 130 -12.85 14.96 -24.40
C MET D 130 -11.73 14.38 -23.55
N VAL D 131 -10.56 14.17 -24.14
CA VAL D 131 -9.43 13.63 -23.38
C VAL D 131 -9.02 14.60 -22.28
N ALA D 132 -8.86 15.89 -22.64
CA ALA D 132 -8.48 16.88 -21.64
C ALA D 132 -9.51 16.96 -20.52
N LEU D 133 -10.80 16.97 -20.88
CA LEU D 133 -11.84 17.02 -19.85
C LEU D 133 -11.81 15.76 -18.98
N LEU D 134 -11.54 14.60 -19.59
CA LEU D 134 -11.40 13.39 -18.80
C LEU D 134 -10.25 13.50 -17.82
N ILE D 135 -9.09 13.99 -18.28
CA ILE D 135 -7.94 14.12 -17.40
C ILE D 135 -8.25 15.07 -16.26
N GLU D 136 -8.86 16.21 -16.57
CA GLU D 136 -9.22 17.17 -15.55
C GLU D 136 -10.10 16.52 -14.48
N TYR D 137 -11.10 15.76 -14.89
CA TYR D 137 -11.99 15.12 -13.93
C TYR D 137 -11.27 14.06 -13.12
N VAL D 138 -10.45 13.24 -13.78
CA VAL D 138 -9.73 12.18 -13.07
C VAL D 138 -8.78 12.78 -12.05
N CYS D 139 -8.13 13.89 -12.41
CA CYS D 139 -7.21 14.54 -11.48
C CYS D 139 -7.96 15.05 -10.25
N LYS D 140 -9.18 15.57 -10.45
CA LYS D 140 -9.97 16.01 -9.31
C LYS D 140 -10.38 14.84 -8.43
N ALA D 141 -10.70 13.70 -9.05
CA ALA D 141 -11.04 12.51 -8.28
C ALA D 141 -9.88 12.05 -7.42
N LEU D 142 -8.68 11.98 -8.01
CA LEU D 142 -7.51 11.56 -7.25
C LEU D 142 -7.27 12.46 -6.05
N GLN D 143 -7.53 13.76 -6.20
CA GLN D 143 -7.36 14.69 -5.09
C GLN D 143 -8.42 14.46 -4.02
N GLU D 144 -9.68 14.31 -4.44
CA GLU D 144 -10.77 14.21 -3.48
C GLU D 144 -10.73 12.88 -2.73
N LEU D 145 -10.50 11.78 -3.43
CA LEU D 145 -10.59 10.47 -2.79
C LEU D 145 -9.28 10.07 -2.12
N TYR D 146 -8.14 10.44 -2.70
CA TYR D 146 -6.85 9.99 -2.22
C TYR D 146 -5.90 11.10 -1.82
N GLY D 147 -6.25 12.37 -2.04
CA GLY D 147 -5.31 13.44 -1.76
C GLY D 147 -4.11 13.45 -2.68
N VAL D 148 -4.19 12.76 -3.82
CA VAL D 148 -3.12 12.76 -4.81
C VAL D 148 -3.33 13.93 -5.75
N ASN D 149 -2.28 14.73 -5.94
CA ASN D 149 -2.33 15.91 -6.80
C ASN D 149 -1.61 15.62 -8.10
N CYS D 150 -2.26 15.95 -9.22
CA CYS D 150 -1.67 15.74 -10.54
C CYS D 150 -2.45 16.56 -11.55
N SER D 151 -1.87 16.67 -12.75
CA SER D 151 -2.46 17.45 -13.83
C SER D 151 -2.15 16.77 -15.15
N ALA D 152 -2.58 17.41 -16.24
CA ALA D 152 -2.31 16.86 -17.57
C ALA D 152 -0.82 16.72 -17.84
N GLU D 153 0.01 17.53 -17.18
CA GLU D 153 1.45 17.44 -17.37
C GLU D 153 2.01 16.11 -16.90
N ASP D 154 1.25 15.33 -16.12
CA ASP D 154 1.68 14.04 -15.61
C ASP D 154 1.06 12.88 -16.37
N VAL D 155 0.41 13.14 -17.50
CA VAL D 155 -0.31 12.12 -18.26
C VAL D 155 0.39 11.94 -19.61
N LEU D 156 0.90 10.74 -19.85
CA LEU D 156 1.49 10.42 -21.14
C LEU D 156 0.36 10.06 -22.11
N ASN D 157 0.28 10.81 -23.22
CA ASN D 157 -0.79 10.68 -24.19
C ASN D 157 -0.24 10.00 -25.44
N LEU D 158 -0.72 8.79 -25.72
CA LEU D 158 -0.32 8.02 -26.89
C LEU D 158 -1.51 7.87 -27.83
N ASP D 159 -1.23 7.90 -29.13
CA ASP D 159 -2.27 7.88 -30.13
C ASP D 159 -2.06 6.75 -31.13
N SER D 160 -3.16 6.09 -31.51
CA SER D 160 -3.17 5.06 -32.51
C SER D 160 -4.39 5.19 -33.42
N SER D 161 -4.81 6.43 -33.68
CA SER D 161 -6.05 6.69 -34.38
C SER D 161 -5.91 6.47 -35.88
N THR D 162 -7.01 6.08 -36.50
CA THR D 162 -7.14 6.01 -37.94
C THR D 162 -8.25 6.97 -38.38
N ASP D 163 -8.55 6.96 -39.68
CA ASP D 163 -9.67 7.74 -40.17
C ASP D 163 -11.00 7.20 -39.68
N GLU D 164 -11.04 5.91 -39.30
CA GLU D 164 -12.27 5.28 -38.83
C GLU D 164 -12.38 5.30 -37.31
N LYS D 165 -11.26 5.24 -36.59
CA LYS D 165 -11.26 5.02 -35.16
C LYS D 165 -10.39 6.07 -34.46
N PHE D 166 -10.97 6.73 -33.46
CA PHE D 166 -10.20 7.53 -32.53
C PHE D 166 -9.66 6.60 -31.44
N SER D 167 -8.34 6.54 -31.29
CA SER D 167 -7.72 5.61 -30.37
C SER D 167 -6.62 6.31 -29.61
N ARG D 168 -6.71 6.26 -28.27
CA ARG D 168 -5.69 6.84 -27.41
C ARG D 168 -5.45 5.91 -26.22
N HIS D 169 -4.20 5.86 -25.78
CA HIS D 169 -3.82 5.25 -24.51
C HIS D 169 -3.25 6.35 -23.62
N LEU D 170 -3.79 6.47 -22.41
CA LEU D 170 -3.25 7.38 -21.41
C LEU D 170 -2.61 6.57 -20.30
N ILE D 171 -1.41 6.98 -19.89
CA ILE D 171 -0.73 6.37 -18.76
C ILE D 171 -0.29 7.50 -17.83
N PHE D 172 -0.85 7.52 -16.62
CA PHE D 172 -0.53 8.55 -15.65
C PHE D 172 0.83 8.28 -15.02
N GLN D 173 1.59 9.35 -14.80
CA GLN D 173 2.91 9.30 -14.18
C GLN D 173 2.83 10.04 -12.85
N LEU D 174 2.29 9.35 -11.83
CA LEU D 174 2.11 9.93 -10.52
C LEU D 174 3.38 9.75 -9.69
N HIS D 175 3.81 10.83 -9.05
CA HIS D 175 5.07 10.84 -8.32
C HIS D 175 4.88 10.09 -7.00
N ASP D 176 5.54 8.93 -6.87
CA ASP D 176 5.53 8.14 -5.64
C ASP D 176 4.13 7.64 -5.31
N VAL D 177 3.34 7.33 -6.33
CA VAL D 177 1.96 6.86 -6.15
C VAL D 177 1.67 5.80 -7.20
N ALA D 178 1.10 4.68 -6.77
CA ALA D 178 0.62 3.66 -7.70
C ALA D 178 -0.61 3.01 -7.12
N PHE D 179 -1.34 2.29 -7.96
CA PHE D 179 -2.50 1.52 -7.54
C PHE D 179 -2.08 0.11 -7.15
N LYS D 180 -2.85 -0.52 -6.27
CA LYS D 180 -2.43 -1.82 -5.76
C LYS D 180 -2.28 -2.82 -6.89
N ASP D 181 -3.20 -2.80 -7.85
CA ASP D 181 -3.09 -3.58 -9.08
C ASP D 181 -4.13 -3.05 -10.06
N ASN D 182 -4.13 -3.60 -11.28
CA ASN D 182 -4.99 -3.06 -12.34
C ASN D 182 -6.46 -3.35 -12.10
N ILE D 183 -6.78 -4.38 -11.30
CA ILE D 183 -8.16 -4.59 -10.88
C ILE D 183 -8.63 -3.42 -10.03
N HIS D 184 -7.78 -2.95 -9.12
CA HIS D 184 -8.15 -1.81 -8.28
C HIS D 184 -8.25 -0.53 -9.11
N VAL D 185 -7.50 -0.44 -10.22
CA VAL D 185 -7.69 0.69 -11.12
C VAL D 185 -9.08 0.66 -11.73
N GLY D 186 -9.55 -0.53 -12.12
CA GLY D 186 -10.89 -0.65 -12.65
C GLY D 186 -11.96 -0.27 -11.64
N ASN D 187 -11.79 -0.73 -10.39
CA ASN D 187 -12.76 -0.36 -9.35
C ASN D 187 -12.80 1.14 -9.16
N PHE D 188 -11.64 1.78 -9.13
CA PHE D 188 -11.58 3.23 -8.97
C PHE D 188 -12.32 3.95 -10.09
N LEU D 189 -12.15 3.49 -11.33
CA LEU D 189 -12.75 4.18 -12.46
C LEU D 189 -14.24 3.91 -12.56
N ARG D 190 -14.66 2.67 -12.32
CA ARG D 190 -16.09 2.38 -12.28
C ARG D 190 -16.78 3.24 -11.23
N LYS D 191 -16.11 3.48 -10.09
CA LYS D 191 -16.69 4.29 -9.03
C LYS D 191 -16.89 5.74 -9.50
N ILE D 192 -15.81 6.37 -9.97
CA ILE D 192 -15.89 7.79 -10.31
C ILE D 192 -16.63 8.02 -11.64
N LEU D 193 -16.72 7.02 -12.50
CA LEU D 193 -17.44 7.13 -13.76
C LEU D 193 -18.88 6.62 -13.64
N GLN D 194 -19.32 6.24 -12.45
CA GLN D 194 -20.70 5.78 -12.28
C GLN D 194 -21.71 6.82 -12.75
N PRO D 195 -21.52 8.12 -12.54
CA PRO D 195 -22.51 9.09 -13.06
C PRO D 195 -22.70 8.98 -14.56
N ALA D 196 -21.63 8.73 -15.31
CA ALA D 196 -21.76 8.59 -16.76
C ALA D 196 -22.40 7.25 -17.12
N LEU D 197 -22.04 6.18 -16.42
CA LEU D 197 -22.64 4.88 -16.69
C LEU D 197 -24.15 4.90 -16.50
N ASP D 198 -24.67 5.82 -15.69
CA ASP D 198 -26.11 5.95 -15.50
C ASP D 198 -26.80 6.61 -16.69
N LEU D 199 -26.05 7.19 -17.62
CA LEU D 199 -26.63 7.85 -18.79
C LEU D 199 -26.78 6.92 -19.98
N LEU D 200 -26.41 5.65 -19.85
CA LEU D 200 -26.49 4.70 -20.96
C LEU D 200 -27.83 3.96 -20.94
N ASP D 262 -21.92 17.89 -16.04
CA ASP D 262 -22.29 16.52 -16.37
C ASP D 262 -21.13 15.76 -17.00
N LEU D 263 -21.09 14.45 -16.81
CA LEU D 263 -20.13 13.59 -17.48
C LEU D 263 -20.63 13.13 -18.84
N SER D 264 -21.60 13.83 -19.42
CA SER D 264 -22.14 13.44 -20.72
C SER D 264 -21.10 13.54 -21.82
N PHE D 265 -20.05 14.35 -21.65
CA PHE D 265 -19.02 14.47 -22.66
C PHE D 265 -18.31 13.14 -22.91
N LEU D 266 -18.40 12.19 -21.97
CA LEU D 266 -17.80 10.88 -22.15
C LEU D 266 -18.68 9.92 -22.95
N VAL D 267 -19.95 10.26 -23.15
CA VAL D 267 -20.90 9.33 -23.78
C VAL D 267 -20.72 9.39 -25.29
N VAL D 268 -20.29 8.27 -25.88
CA VAL D 268 -20.29 8.11 -27.32
C VAL D 268 -21.30 7.01 -27.63
N LYS D 269 -21.42 6.67 -28.92
CA LYS D 269 -22.35 5.64 -29.34
C LYS D 269 -21.79 4.99 -30.59
N ASN D 270 -21.72 3.65 -30.59
CA ASN D 270 -21.04 2.91 -31.63
C ASN D 270 -21.91 2.84 -32.88
N ASN D 271 -21.46 2.07 -33.89
CA ASN D 271 -22.21 1.94 -35.12
C ASN D 271 -23.48 1.13 -34.95
N MET D 272 -23.58 0.33 -33.89
CA MET D 272 -24.78 -0.48 -33.63
C MET D 272 -25.87 0.29 -32.92
N GLY D 273 -25.72 1.61 -32.77
CA GLY D 273 -26.75 2.45 -32.20
C GLY D 273 -26.83 2.43 -30.69
N GLU D 274 -26.05 1.58 -30.01
CA GLU D 274 -26.11 1.49 -28.56
C GLU D 274 -25.06 2.39 -27.91
N LYS D 275 -25.38 2.87 -26.71
CA LYS D 275 -24.51 3.81 -26.02
C LYS D 275 -23.50 3.13 -25.10
N HIS D 276 -22.30 3.71 -25.08
CA HIS D 276 -21.21 3.25 -24.23
C HIS D 276 -20.30 4.45 -23.96
N LEU D 277 -19.31 4.23 -23.10
CA LEU D 277 -18.45 5.32 -22.65
C LEU D 277 -17.21 5.45 -23.53
N PHE D 278 -16.77 6.71 -23.68
CA PHE D 278 -15.46 6.99 -24.25
C PHE D 278 -14.39 6.11 -23.62
N VAL D 279 -14.48 5.88 -22.31
CA VAL D 279 -13.50 5.09 -21.58
C VAL D 279 -13.85 3.61 -21.74
N ASP D 280 -12.86 2.80 -22.11
CA ASP D 280 -13.01 1.36 -22.22
C ASP D 280 -12.74 0.75 -20.85
N LEU D 281 -13.81 0.38 -20.14
CA LEU D 281 -13.70 -0.15 -18.80
C LEU D 281 -13.46 -1.65 -18.76
N GLY D 282 -13.27 -2.29 -19.92
CA GLY D 282 -13.04 -3.71 -19.98
C GLY D 282 -11.59 -4.15 -19.96
N VAL D 283 -10.63 -3.21 -19.91
CA VAL D 283 -9.21 -3.56 -19.96
C VAL D 283 -8.59 -3.73 -18.58
N TYR D 284 -9.41 -3.83 -17.53
CA TYR D 284 -8.89 -3.94 -16.18
C TYR D 284 -9.11 -5.36 -15.69
N THR D 285 -8.48 -6.31 -16.37
CA THR D 285 -8.62 -7.73 -16.12
C THR D 285 -7.27 -8.33 -15.77
N ARG D 286 -7.32 -9.54 -15.22
CA ARG D 286 -6.09 -10.22 -14.81
C ARG D 286 -5.18 -10.46 -16.02
N ASN D 287 -3.92 -10.07 -15.89
CA ASN D 287 -2.91 -10.31 -16.92
C ASN D 287 -3.31 -9.68 -18.26
N ARG D 288 -4.04 -8.57 -18.21
CA ARG D 288 -4.40 -7.85 -19.43
C ARG D 288 -3.15 -7.51 -20.21
N ASN D 289 -3.18 -7.73 -21.53
CA ASN D 289 -2.06 -7.25 -22.31
C ASN D 289 -2.41 -5.85 -22.82
N PHE D 290 -1.39 -5.03 -23.00
CA PHE D 290 -1.57 -3.64 -23.39
C PHE D 290 -0.53 -3.30 -24.45
N ARG D 291 -0.99 -2.96 -25.65
CA ARG D 291 -0.10 -2.76 -26.78
C ARG D 291 1.00 -1.77 -26.43
N LEU D 292 2.23 -2.11 -26.84
CA LEU D 292 3.39 -1.33 -26.45
C LEU D 292 3.53 -0.08 -27.31
N TYR D 293 4.16 0.93 -26.72
CA TYR D 293 4.63 2.10 -27.44
C TYR D 293 5.39 1.68 -28.69
N LYS D 294 4.96 2.19 -29.84
CA LYS D 294 5.56 1.96 -31.16
C LYS D 294 5.25 0.58 -31.73
N SER D 295 4.32 -0.17 -31.14
CA SER D 295 3.79 -1.39 -31.73
C SER D 295 2.40 -1.20 -32.29
N SER D 296 2.10 -1.97 -33.33
CA SER D 296 0.79 -2.03 -33.95
C SER D 296 0.26 -3.46 -33.87
N LYS D 297 -1.05 -3.60 -34.00
CA LYS D 297 -1.64 -4.93 -34.04
C LYS D 297 -1.15 -5.67 -35.29
N ILE D 298 -1.13 -7.00 -35.20
CA ILE D 298 -0.46 -7.80 -36.22
C ILE D 298 -1.04 -7.53 -37.60
N GLY D 299 -2.35 -7.36 -37.70
CA GLY D 299 -2.99 -7.17 -38.98
C GLY D 299 -3.00 -5.75 -39.51
N LYS D 300 -2.41 -4.81 -38.78
CA LYS D 300 -2.51 -3.38 -39.10
C LYS D 300 -1.12 -2.79 -39.16
N ARG D 301 -1.07 -1.47 -39.43
CA ARG D 301 0.18 -0.75 -39.57
C ARG D 301 0.28 0.47 -38.65
N VAL D 302 -0.79 0.87 -38.00
CA VAL D 302 -0.78 2.06 -37.14
C VAL D 302 -0.21 1.66 -35.78
N ALA D 303 0.89 2.30 -35.39
CA ALA D 303 1.54 2.04 -34.12
C ALA D 303 1.22 3.14 -33.12
N LEU D 304 1.35 2.81 -31.84
CA LEU D 304 1.13 3.78 -30.78
C LEU D 304 2.29 4.78 -30.76
N GLU D 305 1.96 6.07 -30.88
CA GLU D 305 2.94 7.13 -30.88
C GLU D 305 2.50 8.24 -29.95
N VAL D 306 3.46 9.04 -29.49
CA VAL D 306 3.15 10.16 -28.61
C VAL D 306 2.26 11.14 -29.35
N THR D 307 1.16 11.52 -28.70
CA THR D 307 0.20 12.43 -29.32
C THR D 307 0.78 13.84 -29.44
N GLU D 308 0.28 14.58 -30.43
CA GLU D 308 0.79 15.92 -30.67
C GLU D 308 0.60 16.82 -29.45
N ASP D 309 -0.55 16.69 -28.78
CA ASP D 309 -0.85 17.51 -27.61
C ASP D 309 -0.52 16.82 -26.30
N ASN D 310 0.42 15.86 -26.32
CA ASN D 310 0.91 15.28 -25.08
C ASN D 310 1.67 16.34 -24.29
N LYS D 311 1.51 16.31 -22.97
CA LYS D 311 2.12 17.31 -22.11
C LYS D 311 3.06 16.71 -21.06
N PHE D 312 3.22 15.40 -21.01
CA PHE D 312 4.19 14.78 -20.12
C PHE D 312 5.53 14.68 -20.82
N PHE D 313 6.56 15.27 -20.22
CA PHE D 313 7.91 15.24 -20.75
C PHE D 313 8.86 14.65 -19.71
N PRO D 314 9.41 13.46 -19.92
CA PRO D 314 10.33 12.88 -18.93
C PRO D 314 11.55 13.77 -18.72
N ILE D 315 12.29 13.46 -17.66
CA ILE D 315 13.51 14.21 -17.38
C ILE D 315 14.56 13.89 -18.44
N GLN D 316 15.37 14.89 -18.77
CA GLN D 316 16.42 14.74 -19.77
C GLN D 316 17.66 14.16 -19.09
N SER D 317 18.13 13.03 -19.57
CA SER D 317 19.25 12.33 -18.97
C SER D 317 20.28 11.97 -20.03
N LYS D 318 21.55 12.30 -19.76
CA LYS D 318 22.62 11.99 -20.69
C LYS D 318 22.87 10.49 -20.83
N ASP D 319 22.30 9.67 -19.94
CA ASP D 319 22.61 8.25 -19.89
C ASP D 319 21.59 7.37 -20.60
N VAL D 320 20.44 7.92 -21.00
CA VAL D 320 19.43 7.18 -21.73
C VAL D 320 18.84 8.09 -22.80
N SER D 321 18.45 7.48 -23.92
CA SER D 321 17.77 8.22 -24.98
C SER D 321 16.39 8.67 -24.52
N ASP D 322 15.89 9.72 -25.18
CA ASP D 322 14.56 10.23 -24.85
C ASP D 322 13.49 9.19 -25.16
N GLU D 323 13.67 8.42 -26.24
CA GLU D 323 12.68 7.42 -26.59
C GLU D 323 12.60 6.33 -25.54
N TYR D 324 13.75 5.93 -24.97
CA TYR D 324 13.73 4.94 -23.90
C TYR D 324 12.98 5.48 -22.68
N GLN D 325 13.15 6.78 -22.38
CA GLN D 325 12.40 7.39 -21.29
C GLN D 325 10.90 7.32 -21.55
N TYR D 326 10.49 7.54 -22.80
CA TYR D 326 9.06 7.44 -23.12
C TYR D 326 8.59 6.00 -23.05
N PHE D 327 9.43 5.06 -23.49
CA PHE D 327 9.11 3.65 -23.35
C PHE D 327 8.89 3.28 -21.89
N LEU D 328 9.82 3.67 -21.02
CA LEU D 328 9.70 3.35 -19.60
C LEU D 328 8.44 3.97 -19.01
N SER D 329 8.15 5.23 -19.37
CA SER D 329 6.96 5.89 -18.84
C SER D 329 5.69 5.20 -19.33
N SER D 330 5.70 4.68 -20.55
CA SER D 330 4.50 4.08 -21.13
C SER D 330 4.16 2.73 -20.49
N LEU D 331 5.12 2.07 -19.87
CA LEU D 331 4.88 0.74 -19.32
C LEU D 331 4.05 0.86 -18.04
N VAL D 332 2.88 0.24 -18.07
CA VAL D 332 1.89 0.43 -17.00
C VAL D 332 2.38 -0.21 -15.70
N SER D 333 3.05 -1.35 -15.79
CA SER D 333 3.51 -2.07 -14.61
C SER D 333 4.93 -1.70 -14.19
N ASN D 334 5.52 -0.68 -14.82
CA ASN D 334 6.86 -0.21 -14.44
C ASN D 334 6.70 0.93 -13.44
N VAL D 335 6.53 0.56 -12.18
CA VAL D 335 6.35 1.51 -11.10
C VAL D 335 7.74 1.88 -10.56
N ARG D 336 8.11 3.16 -10.74
CA ARG D 336 9.44 3.60 -10.37
C ARG D 336 9.68 3.42 -8.88
N PHE D 337 10.91 3.03 -8.53
CA PHE D 337 11.26 2.84 -7.14
C PHE D 337 11.11 4.15 -6.36
N SER D 338 10.79 4.02 -5.07
CA SER D 338 10.62 5.17 -4.21
C SER D 338 10.50 4.73 -2.76
N ASP D 339 11.25 5.39 -1.86
CA ASP D 339 11.19 5.07 -0.44
C ASP D 339 10.03 5.76 0.27
N THR D 340 9.07 6.31 -0.48
CA THR D 340 7.86 6.88 0.09
C THR D 340 6.65 6.58 -0.78
N LEU D 341 6.64 5.44 -1.46
CA LEU D 341 5.55 5.09 -2.36
C LEU D 341 4.25 4.92 -1.58
N ARG D 342 3.18 5.48 -2.13
CA ARG D 342 1.82 5.28 -1.63
C ARG D 342 1.09 4.34 -2.59
N ILE D 343 0.43 3.32 -2.05
CA ILE D 343 -0.30 2.35 -2.84
C ILE D 343 -1.79 2.58 -2.61
N LEU D 344 -2.50 2.93 -3.68
CA LEU D 344 -3.93 3.22 -3.61
C LEU D 344 -4.73 1.93 -3.82
N THR D 345 -5.68 1.69 -2.93
CA THR D 345 -6.62 0.59 -3.08
C THR D 345 -8.02 1.14 -3.34
N CYS D 346 -8.84 0.32 -3.99
CA CYS D 346 -10.23 0.65 -4.23
C CYS D 346 -11.01 -0.65 -4.37
N GLU D 347 -12.00 -0.84 -3.50
CA GLU D 347 -12.82 -2.04 -3.53
C GLU D 347 -14.14 -1.76 -4.24
N PRO D 348 -14.76 -2.79 -4.85
CA PRO D 348 -16.03 -2.59 -5.56
C PRO D 348 -17.11 -1.95 -4.67
#